data_2RAU
#
_entry.id   2RAU
#
_cell.length_a   83.333
_cell.length_b   83.333
_cell.length_c   140.032
_cell.angle_alpha   90.000
_cell.angle_beta   90.000
_cell.angle_gamma   120.000
#
_symmetry.space_group_name_H-M   'P 31 2 1'
#
loop_
_entity.id
_entity.type
_entity.pdbx_description
1 polymer 'Putative esterase'
2 non-polymer 'CALCIUM ION'
3 non-polymer 1,2-ETHANEDIOL
4 non-polymer 'TETRAETHYLENE GLYCOL'
5 non-polymer 'UNKNOWN LIGAND'
6 non-polymer DI(HYDROXYETHYL)ETHER
7 water water
#
_entity_poly.entity_id   1
_entity_poly.type   'polypeptide(L)'
_entity_poly.pdbx_seq_one_letter_code
;G(MSE)YEEWKIVKREAPILGNDQLIENIWK(MSE)KREDSPYDIISLHKVNLIGGGNDAVLILPGTWSSGEQLVTISWN
GVHYTIPDYRKSIVLYLARNGFNVYTIDYRTHYVPPFLKDRQLSFTANWGWSTWISDIKEVVSFIKRDSGQERIYLAGES
FGGIAALNYSSLYWKNDIKGLILLDGGPTKHGIRPKFYTPEVNSIEE(MSE)EAKGIYVIPSRGGPNNPIWSYALANPD
(MSE)PSPDPKYKSISDFL(MSE)DSLYVTGSANPYDYPYSKKED(MSE)FPILASFDPYWPYRLSLERDLKFDYEGILV
PTIAFVSERFGIQIFDSKILPSNSEIILLKGYGHLDVYTGENSEKDVNSVVLKWLSQQR
;
_entity_poly.pdbx_strand_id   A
#
# COMPACT_ATOMS: atom_id res chain seq x y z
N TYR A 3 22.12 -0.92 13.79
CA TYR A 3 21.35 -1.59 12.73
C TYR A 3 20.47 -2.74 13.26
N GLU A 4 21.09 -3.65 14.01
CA GLU A 4 20.44 -4.87 14.52
C GLU A 4 18.94 -4.81 15.01
N GLU A 5 18.52 -3.73 15.68
CA GLU A 5 17.27 -3.72 16.48
C GLU A 5 16.15 -2.71 16.10
N TRP A 6 14.91 -3.06 16.49
CA TRP A 6 13.76 -2.20 16.30
C TRP A 6 13.79 -1.28 17.47
N LYS A 7 13.68 0.00 17.21
CA LYS A 7 13.67 1.02 18.25
C LYS A 7 12.34 1.77 18.21
N ILE A 8 11.76 1.98 19.38
CA ILE A 8 10.48 2.65 19.46
C ILE A 8 10.71 4.12 19.17
N VAL A 9 9.88 4.68 18.29
CA VAL A 9 9.92 6.09 17.96
C VAL A 9 8.62 6.84 18.34
N LYS A 10 7.49 6.16 18.43
CA LYS A 10 6.26 6.75 18.89
C LYS A 10 5.59 5.69 19.73
N ARG A 11 5.25 6.04 20.96
CA ARG A 11 4.63 5.11 21.88
C ARG A 11 3.22 5.50 22.30
N GLU A 12 2.26 4.62 22.11
CA GLU A 12 0.91 4.81 22.57
C GLU A 12 0.27 6.16 22.21
N ALA A 13 0.39 6.53 20.95
CA ALA A 13 -0.08 7.80 20.50
C ALA A 13 -1.49 7.72 19.89
N PRO A 14 -2.47 8.42 20.49
CA PRO A 14 -3.80 8.50 19.84
C PRO A 14 -3.79 9.02 18.40
N ILE A 15 -4.64 8.44 17.56
CA ILE A 15 -4.67 8.76 16.13
C ILE A 15 -5.64 9.94 15.93
N LEU A 16 -5.21 10.93 15.19
CA LEU A 16 -6.05 12.12 14.97
C LEU A 16 -7.39 11.70 14.42
N GLY A 17 -8.45 12.26 15.04
CA GLY A 17 -9.83 11.99 14.65
C GLY A 17 -10.36 10.64 15.06
N ASN A 18 -9.52 9.84 15.74
CA ASN A 18 -9.87 8.48 16.10
C ASN A 18 -9.25 8.20 17.43
N ASP A 19 -9.74 8.85 18.47
CA ASP A 19 -9.04 8.77 19.76
C ASP A 19 -9.26 7.47 20.58
N GLN A 20 -10.10 6.57 20.08
CA GLN A 20 -10.18 5.23 20.65
C GLN A 20 -9.08 4.30 20.12
N LEU A 21 -8.38 4.77 19.12
CA LEU A 21 -7.31 4.00 18.48
C LEU A 21 -5.95 4.56 18.84
N ILE A 22 -4.98 3.67 19.09
N ILE A 22 -4.98 3.65 18.94
CA ILE A 22 -3.66 4.16 19.42
CA ILE A 22 -3.67 4.06 19.39
C ILE A 22 -2.61 3.56 18.46
C ILE A 22 -2.54 3.48 18.52
N GLU A 23 -1.56 4.33 18.23
CA GLU A 23 -0.48 3.97 17.33
C GLU A 23 0.86 3.83 18.05
N ASN A 24 1.62 2.81 17.65
CA ASN A 24 3.00 2.64 18.04
C ASN A 24 3.82 2.56 16.75
N ILE A 25 5.01 3.16 16.77
CA ILE A 25 5.91 3.11 15.62
C ILE A 25 7.32 2.74 16.10
N TRP A 26 7.91 1.80 15.38
CA TRP A 26 9.30 1.40 15.57
C TRP A 26 10.02 1.57 14.28
N LYS A 27 11.31 1.78 14.40
CA LYS A 27 12.20 1.97 13.28
C LYS A 27 13.42 1.03 13.37
N LYS A 29 17.29 0.45 11.44
CA LYS A 29 18.30 0.73 10.48
C LYS A 29 18.67 -0.50 9.70
N ARG A 30 18.78 -0.32 8.38
CA ARG A 30 19.15 -1.37 7.44
C ARG A 30 20.49 -0.91 6.77
N GLU A 31 20.92 -1.57 5.70
CA GLU A 31 22.19 -1.26 5.10
C GLU A 31 22.06 -0.89 3.63
N ASP A 32 23.00 -0.14 3.04
CA ASP A 32 24.21 0.36 3.68
C ASP A 32 24.33 1.87 3.64
N SER A 33 23.29 2.57 3.17
CA SER A 33 23.29 4.02 3.12
C SER A 33 22.50 4.63 4.29
N PRO A 34 22.64 5.96 4.50
CA PRO A 34 21.81 6.62 5.52
C PRO A 34 20.30 6.50 5.31
N TYR A 35 19.84 6.26 4.07
CA TYR A 35 18.44 6.18 3.73
C TYR A 35 17.88 4.77 3.79
N ASP A 36 18.73 3.79 4.11
CA ASP A 36 18.28 2.42 4.21
C ASP A 36 17.75 2.19 5.61
N ILE A 37 16.47 2.53 5.78
CA ILE A 37 15.73 2.46 7.07
C ILE A 37 14.37 1.95 6.72
N ILE A 38 13.78 1.17 7.62
CA ILE A 38 12.36 0.74 7.52
C ILE A 38 11.66 1.05 8.84
N SER A 39 10.36 1.18 8.79
CA SER A 39 9.61 1.34 10.01
C SER A 39 8.32 0.54 10.02
N LEU A 40 7.75 0.40 11.20
CA LEU A 40 6.61 -0.46 11.43
C LEU A 40 5.61 0.27 12.29
N HIS A 41 4.34 0.28 11.88
CA HIS A 41 3.25 0.90 12.66
C HIS A 41 2.35 -0.18 13.15
N LYS A 42 1.91 -0.04 14.39
CA LYS A 42 0.88 -0.89 14.96
C LYS A 42 -0.30 0.02 15.35
N VAL A 43 -1.51 -0.43 15.02
CA VAL A 43 -2.72 0.24 15.47
C VAL A 43 -3.62 -0.75 16.20
N ASN A 44 -4.15 -0.32 17.34
CA ASN A 44 -5.09 -1.11 18.11
C ASN A 44 -5.97 -0.19 18.92
N LEU A 45 -7.06 -0.75 19.42
CA LEU A 45 -7.95 -0.11 20.34
C LEU A 45 -7.25 0.13 21.65
N ILE A 46 -7.61 1.22 22.33
CA ILE A 46 -7.14 1.51 23.66
C ILE A 46 -7.46 0.26 24.49
N GLY A 47 -6.53 -0.21 25.27
CA GLY A 47 -6.83 -1.41 26.03
C GLY A 47 -6.53 -2.70 25.29
N GLY A 48 -6.09 -2.60 24.03
CA GLY A 48 -5.51 -3.73 23.28
C GLY A 48 -6.37 -4.36 22.22
N GLY A 49 -5.71 -4.91 21.23
CA GLY A 49 -6.36 -5.67 20.16
C GLY A 49 -5.88 -7.11 20.22
N ASN A 50 -6.34 -7.92 19.28
CA ASN A 50 -5.96 -9.32 19.20
C ASN A 50 -5.56 -9.75 17.81
N ASP A 51 -4.84 -10.87 17.77
CA ASP A 51 -4.36 -11.48 16.53
C ASP A 51 -3.36 -10.57 15.87
N ALA A 52 -3.21 -10.73 14.55
CA ALA A 52 -2.24 -9.94 13.80
C ALA A 52 -2.56 -9.92 12.30
N VAL A 53 -2.74 -8.69 11.78
CA VAL A 53 -2.88 -8.43 10.34
C VAL A 53 -1.80 -7.46 9.95
N LEU A 54 -1.00 -7.81 8.95
CA LEU A 54 0.01 -6.91 8.39
C LEU A 54 -0.45 -6.50 6.99
N ILE A 55 -0.47 -5.19 6.75
CA ILE A 55 -0.86 -4.65 5.43
C ILE A 55 0.33 -4.02 4.73
N LEU A 56 0.63 -4.53 3.55
CA LEU A 56 1.71 -4.07 2.70
C LEU A 56 1.22 -2.97 1.75
N PRO A 57 1.79 -1.76 1.86
CA PRO A 57 1.36 -0.73 0.94
C PRO A 57 1.79 -0.97 -0.50
N GLY A 58 1.20 -0.17 -1.41
CA GLY A 58 1.48 -0.24 -2.83
C GLY A 58 2.52 0.79 -3.22
N THR A 59 2.70 1.00 -4.52
CA THR A 59 3.73 1.87 -5.07
C THR A 59 3.54 3.31 -4.55
N TRP A 60 4.65 3.87 -4.05
CA TRP A 60 4.75 5.19 -3.47
C TRP A 60 3.96 5.32 -2.18
N SER A 61 3.42 4.22 -1.69
CA SER A 61 2.66 4.24 -0.46
C SER A 61 3.53 3.82 0.73
N SER A 62 3.01 4.05 1.94
CA SER A 62 3.70 3.81 3.18
C SER A 62 2.71 3.41 4.28
N GLY A 63 3.22 2.81 5.37
CA GLY A 63 2.41 2.50 6.50
C GLY A 63 1.85 3.78 7.12
N GLU A 64 2.67 4.83 7.16
CA GLU A 64 2.20 6.12 7.61
C GLU A 64 0.95 6.58 6.82
N GLN A 65 1.01 6.53 5.50
CA GLN A 65 -0.11 6.88 4.67
C GLN A 65 -1.34 6.07 5.04
N LEU A 66 -1.13 4.77 5.30
CA LEU A 66 -2.22 3.85 5.61
C LEU A 66 -2.89 4.05 6.93
N VAL A 67 -2.21 4.76 7.83
CA VAL A 67 -2.75 5.05 9.15
C VAL A 67 -3.25 6.49 9.22
N THR A 68 -2.40 7.45 8.87
CA THR A 68 -2.75 8.82 9.07
C THR A 68 -2.81 9.70 7.79
N ILE A 69 -2.66 9.12 6.61
CA ILE A 69 -2.78 9.86 5.36
C ILE A 69 -1.86 11.08 5.42
N SER A 70 -0.63 10.78 5.84
CA SER A 70 0.41 11.77 6.03
C SER A 70 1.76 11.28 5.52
N TRP A 71 2.68 12.23 5.32
CA TRP A 71 4.08 11.97 4.93
C TRP A 71 5.01 12.75 5.81
N ASN A 72 5.78 12.05 6.64
CA ASN A 72 6.69 12.71 7.53
C ASN A 72 6.01 13.68 8.43
N GLY A 73 4.83 13.30 8.89
CA GLY A 73 4.09 14.15 9.80
C GLY A 73 3.40 15.33 9.14
N VAL A 74 3.44 15.43 7.82
CA VAL A 74 2.69 16.45 7.07
C VAL A 74 1.29 15.88 6.83
N HIS A 75 0.28 16.53 7.41
CA HIS A 75 -1.10 16.06 7.34
C HIS A 75 -1.94 16.84 6.31
N TYR A 76 -2.73 16.06 5.58
CA TYR A 76 -3.53 16.51 4.46
C TYR A 76 -5.03 16.38 4.71
N THR A 77 -5.43 15.55 5.68
CA THR A 77 -6.83 15.31 5.99
C THR A 77 -6.97 14.67 7.37
N ILE A 78 -8.21 14.47 7.82
CA ILE A 78 -8.46 13.71 9.04
C ILE A 78 -8.99 12.34 8.65
N PRO A 79 -8.29 11.28 9.04
CA PRO A 79 -8.77 9.96 8.63
C PRO A 79 -10.08 9.54 9.26
N ASP A 80 -10.89 8.84 8.46
CA ASP A 80 -12.16 8.31 8.86
C ASP A 80 -11.98 6.80 8.92
N TYR A 81 -12.19 6.21 10.09
CA TYR A 81 -12.03 4.74 10.26
C TYR A 81 -12.92 3.93 9.29
N ARG A 82 -14.06 4.48 8.90
CA ARG A 82 -14.92 3.80 7.97
C ARG A 82 -14.28 3.66 6.60
N LYS A 83 -13.38 4.58 6.27
CA LYS A 83 -12.76 4.66 4.95
C LYS A 83 -11.33 4.14 4.93
N SER A 84 -10.89 3.50 6.02
CA SER A 84 -9.51 3.05 6.16
C SER A 84 -9.46 1.63 6.68
N ILE A 85 -8.97 0.70 5.87
CA ILE A 85 -8.92 -0.72 6.27
C ILE A 85 -8.16 -0.89 7.58
N VAL A 86 -7.06 -0.15 7.77
CA VAL A 86 -6.25 -0.27 8.98
C VAL A 86 -7.04 0.12 10.21
N LEU A 87 -7.63 1.31 10.17
CA LEU A 87 -8.42 1.84 11.29
C LEU A 87 -9.70 1.04 11.57
N TYR A 88 -10.37 0.62 10.51
CA TYR A 88 -11.58 -0.20 10.58
C TYR A 88 -11.32 -1.54 11.24
N LEU A 89 -10.28 -2.23 10.80
CA LEU A 89 -9.94 -3.50 11.45
C LEU A 89 -9.50 -3.30 12.89
N ALA A 90 -8.74 -2.24 13.18
CA ALA A 90 -8.34 -1.96 14.57
C ALA A 90 -9.57 -1.66 15.45
N ARG A 91 -10.54 -0.88 14.93
CA ARG A 91 -11.76 -0.59 15.68
C ARG A 91 -12.56 -1.82 15.97
N ASN A 92 -12.42 -2.82 15.11
CA ASN A 92 -13.11 -4.09 15.23
C ASN A 92 -12.30 -5.20 15.92
N GLY A 93 -11.24 -4.79 16.61
CA GLY A 93 -10.54 -5.62 17.59
C GLY A 93 -9.22 -6.25 17.21
N PHE A 94 -8.76 -5.99 15.99
CA PHE A 94 -7.51 -6.55 15.51
C PHE A 94 -6.30 -5.68 15.83
N ASN A 95 -5.17 -6.35 16.04
CA ASN A 95 -3.88 -5.69 16.04
C ASN A 95 -3.55 -5.58 14.53
N VAL A 96 -3.38 -4.36 14.06
CA VAL A 96 -3.07 -4.13 12.64
C VAL A 96 -1.74 -3.43 12.53
N TYR A 97 -0.89 -3.92 11.62
CA TYR A 97 0.43 -3.43 11.46
C TYR A 97 0.62 -3.06 10.01
N THR A 98 1.54 -2.13 9.76
N THR A 98 1.49 -2.08 9.80
CA THR A 98 1.85 -1.75 8.40
CA THR A 98 1.86 -1.64 8.47
C THR A 98 3.26 -1.14 8.36
C THR A 98 3.37 -1.39 8.45
N ILE A 99 3.93 -1.36 7.24
CA ILE A 99 5.36 -1.11 7.03
C ILE A 99 5.60 0.13 6.16
N ASP A 100 6.59 0.92 6.61
CA ASP A 100 7.19 1.98 5.84
C ASP A 100 8.42 1.37 5.15
N TYR A 101 8.34 1.26 3.84
CA TYR A 101 9.44 0.76 3.05
C TYR A 101 10.56 1.79 3.06
N ARG A 102 11.72 1.41 2.53
CA ARG A 102 12.89 2.31 2.48
C ARG A 102 12.60 3.61 1.72
N THR A 103 11.68 3.53 0.77
CA THR A 103 11.19 4.67 -0.02
C THR A 103 10.66 5.79 0.86
N HIS A 104 10.23 5.44 2.08
CA HIS A 104 9.72 6.40 3.00
C HIS A 104 10.78 7.26 3.69
N TYR A 105 12.05 7.03 3.35
CA TYR A 105 13.18 7.76 3.94
C TYR A 105 14.00 8.50 2.88
N VAL A 106 13.53 8.46 1.63
CA VAL A 106 14.25 9.16 0.51
C VAL A 106 13.88 10.68 0.47
N PRO A 107 14.90 11.57 0.50
CA PRO A 107 14.56 12.97 0.39
C PRO A 107 13.97 13.31 -0.99
N PRO A 108 12.98 14.21 -1.01
CA PRO A 108 12.31 14.52 -2.25
C PRO A 108 13.17 15.34 -3.22
N PHE A 109 14.23 15.96 -2.72
CA PHE A 109 15.03 16.87 -3.56
C PHE A 109 16.17 16.16 -4.23
N LEU A 110 16.42 14.89 -3.93
CA LEU A 110 17.53 14.19 -4.62
C LEU A 110 17.12 13.94 -6.06
N LYS A 111 18.11 13.89 -6.94
CA LYS A 111 17.84 13.66 -8.36
C LYS A 111 18.93 12.84 -9.03
N ASP A 112 18.53 12.19 -10.12
CA ASP A 112 19.47 11.51 -11.00
C ASP A 112 20.36 10.51 -10.25
N ARG A 113 21.68 10.66 -10.33
CA ARG A 113 22.56 9.67 -9.73
C ARG A 113 22.69 9.77 -8.23
N GLN A 114 22.13 10.82 -7.64
CA GLN A 114 22.09 10.90 -6.17
C GLN A 114 21.22 9.80 -5.59
N LEU A 115 20.42 9.18 -6.44
CA LEU A 115 19.52 8.09 -6.05
C LEU A 115 20.09 6.67 -6.38
N SER A 116 21.39 6.60 -6.67
CA SER A 116 22.03 5.34 -7.05
C SER A 116 22.03 4.34 -5.90
N PHE A 117 21.85 4.81 -4.65
CA PHE A 117 21.73 3.95 -3.49
C PHE A 117 20.47 3.06 -3.56
N THR A 118 19.53 3.41 -4.46
CA THR A 118 18.34 2.60 -4.70
C THR A 118 18.54 1.49 -5.77
N ALA A 119 19.73 1.39 -6.36
CA ALA A 119 20.00 0.45 -7.47
C ALA A 119 19.69 -1.02 -7.07
N ASN A 120 19.93 -1.40 -5.82
N ASN A 120 19.98 -1.25 -5.79
CA ASN A 120 19.65 -2.77 -5.38
CA ASN A 120 19.87 -2.49 -5.00
C ASN A 120 18.46 -2.83 -4.42
C ASN A 120 18.46 -2.84 -4.47
N TRP A 121 17.50 -1.93 -4.62
CA TRP A 121 16.20 -2.03 -3.94
C TRP A 121 15.24 -2.87 -4.76
N GLY A 122 15.53 -4.17 -4.79
CA GLY A 122 14.78 -5.18 -5.51
C GLY A 122 14.02 -6.08 -4.56
N TRP A 123 13.61 -7.23 -5.07
CA TRP A 123 12.77 -8.16 -4.34
C TRP A 123 13.44 -8.77 -3.11
N SER A 124 14.71 -9.15 -3.20
CA SER A 124 15.35 -9.71 -2.01
C SER A 124 15.41 -8.65 -0.89
N THR A 125 15.66 -7.40 -1.24
CA THR A 125 15.64 -6.33 -0.24
C THR A 125 14.26 -6.16 0.39
N TRP A 126 13.24 -6.00 -0.43
CA TRP A 126 11.87 -5.79 0.04
C TRP A 126 11.40 -6.98 0.86
N ILE A 127 11.64 -8.19 0.36
CA ILE A 127 11.28 -9.42 1.07
C ILE A 127 12.00 -9.50 2.43
N SER A 128 13.28 -9.11 2.47
CA SER A 128 14.03 -9.14 3.73
C SER A 128 13.43 -8.17 4.75
N ASP A 129 12.94 -7.02 4.27
CA ASP A 129 12.37 -6.01 5.12
C ASP A 129 11.02 -6.48 5.65
N ILE A 130 10.17 -7.04 4.77
CA ILE A 130 8.92 -7.61 5.23
C ILE A 130 9.17 -8.72 6.30
N LYS A 131 10.17 -9.58 6.07
CA LYS A 131 10.54 -10.62 7.03
C LYS A 131 10.89 -10.07 8.44
N GLU A 132 11.68 -9.02 8.50
CA GLU A 132 12.00 -8.38 9.76
C GLU A 132 10.75 -7.91 10.49
N VAL A 133 9.79 -7.34 9.74
CA VAL A 133 8.54 -6.87 10.34
C VAL A 133 7.70 -8.08 10.85
N VAL A 134 7.59 -9.13 10.03
CA VAL A 134 6.84 -10.31 10.43
C VAL A 134 7.39 -10.97 11.69
N SER A 135 8.70 -11.09 11.78
N SER A 135 8.71 -11.10 11.81
CA SER A 135 9.35 -11.66 12.95
CA SER A 135 9.27 -11.71 13.00
C SER A 135 9.01 -10.84 14.21
C SER A 135 9.00 -10.84 14.25
N PHE A 136 9.08 -9.52 14.09
CA PHE A 136 8.74 -8.63 15.19
C PHE A 136 7.27 -8.80 15.61
N ILE A 137 6.39 -8.84 14.60
CA ILE A 137 4.95 -9.01 14.83
C ILE A 137 4.63 -10.28 15.58
N LYS A 138 5.29 -11.37 15.23
CA LYS A 138 5.04 -12.64 15.90
C LYS A 138 5.27 -12.53 17.39
N ARG A 139 6.37 -11.88 17.77
CA ARG A 139 6.69 -11.68 19.16
C ARG A 139 5.77 -10.65 19.82
N ASP A 140 5.55 -9.53 19.16
CA ASP A 140 4.66 -8.51 19.70
C ASP A 140 3.19 -8.96 19.92
N SER A 141 2.62 -9.67 18.94
CA SER A 141 1.23 -10.10 18.96
C SER A 141 1.03 -11.46 19.58
N GLY A 142 2.10 -12.23 19.68
CA GLY A 142 2.00 -13.58 20.11
C GLY A 142 1.51 -14.58 19.09
N GLN A 143 1.33 -14.22 17.83
CA GLN A 143 0.81 -15.14 16.83
C GLN A 143 1.97 -15.89 16.18
N GLU A 144 1.82 -17.18 15.93
CA GLU A 144 2.82 -17.96 15.17
C GLU A 144 2.73 -17.66 13.67
N ARG A 145 1.52 -17.39 13.21
N ARG A 145 1.52 -17.42 13.19
CA ARG A 145 1.29 -17.04 11.81
CA ARG A 145 1.30 -17.05 11.79
C ARG A 145 0.35 -15.85 11.79
C ARG A 145 0.34 -15.87 11.77
N ILE A 146 0.44 -15.07 10.71
CA ILE A 146 -0.35 -13.86 10.60
C ILE A 146 -1.23 -13.81 9.32
N TYR A 147 -2.17 -12.87 9.35
CA TYR A 147 -2.95 -12.49 8.19
C TYR A 147 -2.13 -11.44 7.47
N LEU A 148 -1.96 -11.63 6.18
CA LEU A 148 -1.14 -10.73 5.37
C LEU A 148 -2.01 -10.14 4.25
N ALA A 149 -2.10 -8.82 4.23
CA ALA A 149 -2.88 -8.09 3.24
C ALA A 149 -1.93 -7.26 2.45
N GLY A 150 -2.35 -6.96 1.23
CA GLY A 150 -1.56 -6.17 0.30
C GLY A 150 -2.42 -5.30 -0.60
N GLU A 151 -2.02 -4.03 -0.75
CA GLU A 151 -2.70 -3.10 -1.66
C GLU A 151 -1.88 -2.88 -2.90
N SER A 152 -2.45 -3.21 -4.07
CA SER A 152 -1.81 -2.93 -5.36
C SER A 152 -0.45 -3.70 -5.44
N PHE A 153 0.68 -3.02 -5.67
CA PHE A 153 2.02 -3.62 -5.57
C PHE A 153 2.17 -4.47 -4.30
N GLY A 154 1.63 -3.99 -3.19
CA GLY A 154 1.69 -4.75 -1.93
C GLY A 154 1.04 -6.11 -2.00
N GLY A 155 0.08 -6.28 -2.90
CA GLY A 155 -0.52 -7.61 -3.13
C GLY A 155 0.43 -8.59 -3.82
N ILE A 156 1.21 -8.09 -4.78
CA ILE A 156 2.29 -8.85 -5.41
C ILE A 156 3.34 -9.20 -4.35
N ALA A 157 3.73 -8.22 -3.54
CA ALA A 157 4.68 -8.43 -2.45
C ALA A 157 4.16 -9.52 -1.49
N ALA A 158 2.86 -9.47 -1.15
CA ALA A 158 2.26 -10.45 -0.23
C ALA A 158 2.34 -11.86 -0.79
N LEU A 159 2.05 -11.99 -2.08
CA LEU A 159 2.12 -13.27 -2.75
C LEU A 159 3.54 -13.79 -2.88
N ASN A 160 4.46 -12.90 -3.26
CA ASN A 160 5.89 -13.26 -3.34
C ASN A 160 6.47 -13.69 -1.97
N TYR A 161 6.16 -12.93 -0.93
CA TYR A 161 6.56 -13.25 0.43
C TYR A 161 5.99 -14.62 0.84
N SER A 162 4.71 -14.83 0.57
CA SER A 162 4.03 -16.07 0.91
C SER A 162 4.61 -17.25 0.17
N SER A 163 4.99 -17.08 -1.09
CA SER A 163 5.56 -18.17 -1.86
C SER A 163 6.83 -18.73 -1.18
N LEU A 164 7.51 -17.91 -0.37
CA LEU A 164 8.72 -18.30 0.27
C LEU A 164 8.53 -18.72 1.72
N TYR A 165 7.56 -18.12 2.42
CA TYR A 165 7.43 -18.27 3.85
C TYR A 165 6.07 -18.64 4.39
N TRP A 166 5.10 -18.94 3.53
CA TRP A 166 3.74 -19.20 3.99
C TRP A 166 3.65 -20.28 5.07
N LYS A 167 4.43 -21.36 4.95
CA LYS A 167 4.29 -22.48 5.84
C LYS A 167 4.54 -22.07 7.26
N ASN A 168 5.53 -21.23 7.52
CA ASN A 168 5.76 -20.81 8.90
C ASN A 168 5.26 -19.46 9.36
N ASP A 169 4.89 -18.60 8.40
CA ASP A 169 4.53 -17.21 8.70
C ASP A 169 3.07 -16.77 8.42
N ILE A 170 2.38 -17.38 7.45
CA ILE A 170 1.12 -16.80 6.90
C ILE A 170 -0.05 -17.76 6.96
N LYS A 171 -1.15 -17.33 7.55
CA LYS A 171 -2.30 -18.18 7.68
C LYS A 171 -3.50 -17.71 6.85
N GLY A 172 -3.38 -16.55 6.21
CA GLY A 172 -4.44 -16.01 5.38
C GLY A 172 -3.93 -14.86 4.56
N LEU A 173 -4.43 -14.76 3.33
N LEU A 173 -4.46 -14.74 3.34
CA LEU A 173 -4.06 -13.69 2.40
CA LEU A 173 -4.02 -13.71 2.39
C LEU A 173 -5.27 -12.83 2.01
C LEU A 173 -5.22 -12.84 1.95
N ILE A 174 -5.08 -11.52 2.09
CA ILE A 174 -6.10 -10.56 1.69
C ILE A 174 -5.51 -9.65 0.62
N LEU A 175 -5.96 -9.81 -0.63
CA LEU A 175 -5.45 -9.00 -1.76
C LEU A 175 -6.46 -7.92 -2.13
N LEU A 176 -6.09 -6.67 -1.89
CA LEU A 176 -6.93 -5.49 -2.10
C LEU A 176 -6.50 -4.84 -3.44
N ASP A 177 -7.10 -5.33 -4.50
CA ASP A 177 -6.75 -4.91 -5.86
C ASP A 177 -5.23 -5.00 -6.07
N GLY A 178 -4.67 -6.19 -5.87
CA GLY A 178 -3.25 -6.34 -6.06
C GLY A 178 -2.81 -7.78 -6.18
N GLY A 179 -1.91 -8.04 -7.11
CA GLY A 179 -1.37 -9.37 -7.29
C GLY A 179 -0.68 -9.42 -8.65
N PRO A 180 -0.12 -10.62 -8.99
CA PRO A 180 0.43 -10.77 -10.33
C PRO A 180 -0.59 -10.32 -11.37
N THR A 181 -0.03 -9.58 -12.32
CA THR A 181 -0.76 -9.03 -13.40
C THR A 181 -0.66 -10.02 -14.56
N LYS A 182 -1.43 -9.81 -15.61
CA LYS A 182 -1.48 -10.75 -16.72
C LYS A 182 -0.25 -10.64 -17.62
N HIS A 183 -0.06 -11.65 -18.46
CA HIS A 183 1.04 -11.70 -19.45
C HIS A 183 1.08 -10.43 -20.31
N GLY A 184 2.17 -9.66 -20.16
CA GLY A 184 2.39 -8.44 -20.94
C GLY A 184 1.41 -7.31 -20.72
N ILE A 185 0.84 -7.20 -19.51
CA ILE A 185 -0.07 -6.10 -19.21
C ILE A 185 0.79 -4.81 -19.32
N ARG A 186 0.45 -3.95 -20.29
CA ARG A 186 1.18 -2.70 -20.55
C ARG A 186 0.99 -1.66 -19.44
N PHE A 189 1.01 3.91 -14.20
CA PHE A 189 0.99 5.35 -13.89
C PHE A 189 2.36 6.04 -14.16
N TYR A 190 2.98 5.60 -15.27
CA TYR A 190 4.27 6.08 -15.82
C TYR A 190 4.63 5.34 -17.16
N THR A 191 5.45 5.98 -18.02
CA THR A 191 6.09 5.30 -19.18
C THR A 191 7.54 5.05 -18.80
N PRO A 192 7.97 3.76 -18.80
CA PRO A 192 9.33 3.44 -18.32
C PRO A 192 10.47 4.17 -18.99
N GLU A 193 11.29 4.86 -18.21
CA GLU A 193 12.47 5.55 -18.75
C GLU A 193 13.64 4.57 -18.99
N VAL A 194 13.65 3.45 -18.27
CA VAL A 194 14.66 2.41 -18.42
C VAL A 194 13.95 1.07 -18.54
N ASN A 195 14.58 0.12 -19.21
CA ASN A 195 13.99 -1.19 -19.50
C ASN A 195 14.84 -2.33 -19.03
N SER A 196 16.01 -2.02 -18.45
CA SER A 196 16.89 -3.05 -17.89
C SER A 196 17.74 -2.45 -16.78
N ILE A 197 18.40 -3.32 -16.01
CA ILE A 197 19.31 -2.87 -14.96
C ILE A 197 20.52 -2.10 -15.54
N GLU A 198 21.09 -2.57 -16.67
CA GLU A 198 22.24 -1.91 -17.28
C GLU A 198 21.91 -0.48 -17.70
N GLU A 199 20.73 -0.32 -18.27
CA GLU A 199 20.23 0.98 -18.74
C GLU A 199 20.00 1.94 -17.57
N GLU A 201 21.77 2.09 -14.81
CA GLU A 201 23.07 2.59 -14.44
C GLU A 201 23.63 3.43 -15.58
N ALA A 202 23.39 3.04 -16.82
CA ALA A 202 23.95 3.76 -17.96
C ALA A 202 23.36 5.15 -18.01
N LYS A 203 22.04 5.24 -17.90
CA LYS A 203 21.36 6.52 -17.93
C LYS A 203 21.30 7.26 -16.60
N GLY A 204 21.59 6.59 -15.49
CA GLY A 204 21.54 7.22 -14.18
C GLY A 204 20.12 7.58 -13.76
N ILE A 205 19.16 6.67 -14.00
CA ILE A 205 17.75 6.87 -13.66
C ILE A 205 17.40 5.67 -12.84
N TYR A 206 17.21 5.86 -11.53
CA TYR A 206 17.06 4.77 -10.60
C TYR A 206 15.68 4.63 -10.04
N VAL A 207 14.86 5.68 -10.19
CA VAL A 207 13.56 5.76 -9.57
C VAL A 207 12.48 6.24 -10.54
N ILE A 208 11.22 5.90 -10.22
CA ILE A 208 10.03 6.37 -10.90
C ILE A 208 9.41 7.42 -9.96
N PRO A 209 9.23 8.65 -10.42
CA PRO A 209 8.63 9.64 -9.58
C PRO A 209 7.09 9.55 -9.55
N SER A 210 6.53 9.86 -8.41
CA SER A 210 5.11 9.92 -8.25
C SER A 210 4.58 11.19 -8.89
N ARG A 211 3.34 11.15 -9.38
CA ARG A 211 2.64 12.36 -9.86
C ARG A 211 1.92 13.07 -8.69
N GLY A 212 1.98 12.47 -7.51
CA GLY A 212 1.58 13.09 -6.26
C GLY A 212 2.85 13.26 -5.40
N GLY A 213 2.69 13.23 -4.11
CA GLY A 213 3.85 13.32 -3.21
C GLY A 213 4.33 14.73 -2.99
N PRO A 214 5.44 14.86 -2.25
CA PRO A 214 5.82 16.18 -1.83
C PRO A 214 6.27 17.11 -2.94
N ASN A 215 6.60 16.55 -4.09
CA ASN A 215 7.08 17.36 -5.21
C ASN A 215 5.95 17.86 -6.15
N ASN A 216 4.72 17.46 -5.83
CA ASN A 216 3.49 17.83 -6.55
C ASN A 216 2.38 18.41 -5.65
N PRO A 217 2.60 19.60 -5.14
CA PRO A 217 1.62 20.27 -4.25
C PRO A 217 0.26 20.67 -4.91
N ILE A 218 0.15 20.48 -6.24
CA ILE A 218 -1.06 20.73 -7.00
C ILE A 218 -2.28 20.08 -6.40
N TRP A 219 -2.14 18.87 -5.89
CA TRP A 219 -3.31 18.16 -5.34
C TRP A 219 -3.87 18.86 -4.10
N SER A 220 -3.00 19.18 -3.17
CA SER A 220 -3.40 19.93 -1.98
C SER A 220 -3.96 21.33 -2.31
N TYR A 221 -3.34 22.05 -3.25
CA TYR A 221 -3.82 23.36 -3.66
C TYR A 221 -5.24 23.25 -4.20
N ALA A 222 -5.49 22.23 -5.02
CA ALA A 222 -6.76 22.00 -5.70
C ALA A 222 -7.87 21.52 -4.77
N LEU A 223 -7.53 20.86 -3.67
CA LEU A 223 -8.54 20.47 -2.70
C LEU A 223 -9.09 21.71 -2.03
N ALA A 224 -8.22 22.64 -1.67
CA ALA A 224 -8.63 23.87 -1.00
C ALA A 224 -9.21 24.87 -1.97
N ASN A 225 -8.80 24.86 -3.23
CA ASN A 225 -9.20 25.82 -4.25
C ASN A 225 -9.69 25.13 -5.54
N PRO A 226 -10.76 24.35 -5.41
CA PRO A 226 -11.15 23.42 -6.49
C PRO A 226 -11.70 24.04 -7.77
N ASP A 227 -12.11 25.30 -7.69
CA ASP A 227 -12.72 25.97 -8.81
C ASP A 227 -11.75 26.89 -9.55
N PRO A 229 -8.72 27.86 -12.15
CA PRO A 229 -8.53 27.42 -13.52
C PRO A 229 -7.81 26.10 -13.71
N SER A 230 -8.22 25.35 -14.71
CA SER A 230 -7.56 24.11 -15.05
C SER A 230 -6.28 24.35 -15.86
N PRO A 231 -5.18 23.70 -15.48
CA PRO A 231 -3.99 23.78 -16.36
C PRO A 231 -4.23 23.22 -17.79
N ASP A 232 -5.20 22.34 -17.95
CA ASP A 232 -5.62 21.81 -19.27
C ASP A 232 -6.97 22.46 -19.58
N PRO A 233 -6.99 23.31 -20.61
CA PRO A 233 -8.15 24.16 -20.90
C PRO A 233 -9.40 23.43 -21.38
N LYS A 234 -9.28 22.13 -21.66
CA LYS A 234 -10.45 21.28 -21.87
C LYS A 234 -11.41 21.24 -20.66
N TYR A 235 -10.92 21.51 -19.45
CA TYR A 235 -11.75 21.40 -18.24
C TYR A 235 -12.07 22.75 -17.69
N LYS A 236 -13.17 22.81 -16.94
CA LYS A 236 -13.64 24.05 -16.37
C LYS A 236 -12.88 24.43 -15.11
N SER A 237 -12.30 23.46 -14.38
CA SER A 237 -11.61 23.78 -13.16
C SER A 237 -10.46 22.83 -12.91
N ILE A 238 -9.58 23.24 -12.01
CA ILE A 238 -8.45 22.38 -11.63
C ILE A 238 -8.91 21.06 -11.03
N SER A 239 -9.93 21.11 -10.19
CA SER A 239 -10.40 19.88 -9.58
C SER A 239 -11.00 18.95 -10.58
N ASP A 240 -11.72 19.50 -11.55
CA ASP A 240 -12.29 18.73 -12.66
C ASP A 240 -11.21 17.96 -13.44
N PHE A 241 -10.12 18.69 -13.73
CA PHE A 241 -8.96 18.17 -14.45
C PHE A 241 -8.29 17.03 -13.69
N LEU A 242 -8.07 17.22 -12.39
CA LEU A 242 -7.37 16.24 -11.58
C LEU A 242 -8.22 15.01 -11.39
N ASP A 244 -10.70 14.01 -13.37
CA ASP A 244 -10.79 13.32 -14.65
C ASP A 244 -9.48 12.58 -15.01
N SER A 245 -8.32 13.10 -14.56
N SER A 245 -8.33 13.11 -14.54
CA SER A 245 -7.06 12.39 -14.81
CA SER A 245 -7.05 12.43 -14.77
C SER A 245 -7.05 11.04 -14.08
C SER A 245 -7.05 11.06 -14.07
N LEU A 246 -7.63 11.00 -12.88
CA LEU A 246 -7.80 9.74 -12.15
C LEU A 246 -8.80 8.80 -12.84
N TYR A 247 -9.87 9.35 -13.39
CA TYR A 247 -10.84 8.56 -14.11
C TYR A 247 -10.25 7.88 -15.32
N VAL A 248 -9.51 8.67 -16.10
CA VAL A 248 -8.96 8.20 -17.37
C VAL A 248 -7.95 7.05 -17.17
N THR A 249 -7.24 7.05 -16.04
CA THR A 249 -6.29 6.00 -15.65
C THR A 249 -6.91 4.81 -14.89
N GLY A 250 -8.23 4.79 -14.74
CA GLY A 250 -8.90 3.73 -14.00
C GLY A 250 -8.72 3.78 -12.50
N SER A 251 -8.24 4.91 -11.99
CA SER A 251 -7.97 5.11 -10.56
C SER A 251 -9.17 5.53 -9.69
N ALA A 252 -10.18 6.13 -10.32
CA ALA A 252 -11.36 6.63 -9.64
C ALA A 252 -12.58 6.61 -10.58
N ASN A 253 -13.78 6.63 -10.00
CA ASN A 253 -15.06 6.83 -10.70
C ASN A 253 -15.79 8.02 -10.07
N PRO A 254 -15.44 9.27 -10.51
CA PRO A 254 -16.11 10.42 -9.97
C PRO A 254 -17.54 10.62 -10.41
N TYR A 255 -18.02 9.85 -11.39
CA TYR A 255 -19.29 10.18 -12.09
C TYR A 255 -20.46 9.30 -11.78
N ASP A 256 -20.17 8.17 -11.13
CA ASP A 256 -21.18 7.22 -10.77
C ASP A 256 -20.62 6.41 -9.62
N TYR A 257 -21.44 5.54 -9.04
CA TYR A 257 -21.06 4.72 -7.91
C TYR A 257 -19.70 4.04 -8.17
N PRO A 258 -18.78 4.09 -7.20
CA PRO A 258 -18.91 4.61 -5.83
C PRO A 258 -18.75 6.08 -5.56
N TYR A 259 -18.74 6.91 -6.62
CA TYR A 259 -18.78 8.38 -6.51
C TYR A 259 -17.56 8.94 -5.82
N SER A 260 -16.41 8.70 -6.42
CA SER A 260 -15.12 9.12 -5.87
C SER A 260 -15.16 10.60 -5.57
N LYS A 261 -14.63 10.98 -4.41
CA LYS A 261 -14.59 12.38 -3.95
C LYS A 261 -13.22 12.93 -3.88
N LYS A 262 -13.06 14.18 -4.27
CA LYS A 262 -11.76 14.87 -4.13
C LYS A 262 -11.24 14.89 -2.71
N GLU A 263 -12.16 14.97 -1.75
CA GLU A 263 -11.82 15.00 -0.33
C GLU A 263 -11.11 13.72 0.14
N ASP A 264 -11.38 12.63 -0.57
CA ASP A 264 -10.73 11.33 -0.34
C ASP A 264 -9.48 11.16 -1.22
N PHE A 266 -7.60 13.44 -3.21
CA PHE A 266 -6.50 14.43 -3.24
C PHE A 266 -5.51 14.19 -2.06
N PRO A 267 -6.04 13.94 -0.82
CA PRO A 267 -5.09 13.61 0.27
C PRO A 267 -4.23 12.40 0.08
N ILE A 268 -4.71 11.39 -0.67
CA ILE A 268 -3.95 10.18 -0.99
C ILE A 268 -2.82 10.57 -1.91
N LEU A 269 -3.14 11.26 -3.00
CA LEU A 269 -2.12 11.66 -3.97
C LEU A 269 -1.07 12.52 -3.28
N ALA A 270 -1.53 13.44 -2.45
CA ALA A 270 -0.65 14.39 -1.78
C ALA A 270 0.36 13.72 -0.84
N SER A 271 -0.04 12.62 -0.20
CA SER A 271 0.73 12.00 0.86
C SER A 271 1.64 10.85 0.43
N PHE A 272 1.70 10.56 -0.86
CA PHE A 272 2.63 9.58 -1.38
C PHE A 272 4.10 9.96 -1.08
N ASP A 273 4.98 8.93 -1.05
CA ASP A 273 6.41 9.12 -1.15
C ASP A 273 6.76 9.62 -2.56
N PRO A 274 7.88 10.36 -2.70
CA PRO A 274 8.21 10.92 -4.01
C PRO A 274 8.68 9.94 -5.08
N TYR A 275 9.31 8.86 -4.66
CA TYR A 275 10.03 7.96 -5.55
C TYR A 275 9.89 6.50 -5.22
N TRP A 276 10.02 5.69 -6.26
CA TRP A 276 9.92 4.24 -6.18
C TRP A 276 11.05 3.64 -7.01
N PRO A 277 11.76 2.62 -6.49
CA PRO A 277 12.87 2.08 -7.25
C PRO A 277 12.45 1.33 -8.50
N TYR A 278 13.15 1.63 -9.59
CA TYR A 278 13.00 0.83 -10.82
C TYR A 278 13.36 -0.65 -10.66
N ARG A 279 14.25 -0.96 -9.73
CA ARG A 279 14.80 -2.29 -9.63
C ARG A 279 13.69 -3.36 -9.47
N LEU A 280 12.66 -3.06 -8.69
CA LEU A 280 11.60 -4.02 -8.45
C LEU A 280 10.93 -4.47 -9.74
N SER A 281 10.63 -3.52 -10.63
CA SER A 281 9.96 -3.84 -11.88
C SER A 281 10.93 -4.41 -12.90
N LEU A 282 12.22 -4.09 -12.77
CA LEU A 282 13.22 -4.58 -13.71
C LEU A 282 13.61 -6.00 -13.35
N GLU A 283 13.18 -6.49 -12.19
CA GLU A 283 13.34 -7.91 -11.82
C GLU A 283 12.09 -8.76 -12.16
N ARG A 284 11.42 -8.39 -13.24
CA ARG A 284 10.33 -9.17 -13.80
C ARG A 284 10.85 -10.59 -14.13
N ASP A 285 12.15 -10.69 -14.40
CA ASP A 285 12.85 -11.97 -14.67
C ASP A 285 12.62 -13.02 -13.57
N LEU A 286 12.77 -12.62 -12.31
CA LEU A 286 12.62 -13.52 -11.14
C LEU A 286 11.30 -14.30 -11.10
N LYS A 287 11.42 -15.62 -10.98
CA LYS A 287 10.26 -16.49 -10.91
C LYS A 287 9.98 -16.80 -9.44
N PHE A 288 8.74 -16.55 -9.02
CA PHE A 288 8.25 -16.91 -7.70
C PHE A 288 7.25 -18.05 -7.86
N ASP A 289 7.36 -19.05 -7.01
CA ASP A 289 6.50 -20.21 -7.12
C ASP A 289 5.17 -20.05 -6.38
N TYR A 290 4.12 -19.68 -7.11
CA TYR A 290 2.80 -19.50 -6.50
C TYR A 290 1.99 -20.77 -6.42
N GLU A 291 2.53 -21.85 -7.00
CA GLU A 291 1.81 -23.12 -7.08
C GLU A 291 1.55 -23.69 -5.68
N GLY A 292 2.51 -23.68 -4.78
CA GLY A 292 2.25 -24.37 -3.51
C GLY A 292 1.54 -23.68 -2.35
N ILE A 293 1.01 -22.49 -2.58
CA ILE A 293 0.54 -21.65 -1.47
C ILE A 293 -0.85 -22.14 -1.03
N LEU A 294 -0.89 -22.91 0.04
CA LEU A 294 -2.14 -23.45 0.56
C LEU A 294 -2.65 -22.61 1.73
N VAL A 295 -2.95 -21.36 1.42
CA VAL A 295 -3.40 -20.39 2.39
C VAL A 295 -4.79 -19.89 1.93
N PRO A 296 -5.79 -19.85 2.84
CA PRO A 296 -7.06 -19.21 2.53
C PRO A 296 -6.83 -17.78 2.06
N THR A 297 -7.47 -17.43 0.95
CA THR A 297 -7.28 -16.15 0.28
C THR A 297 -8.59 -15.47 -0.11
N ILE A 298 -8.66 -14.16 0.12
CA ILE A 298 -9.75 -13.33 -0.41
C ILE A 298 -9.08 -12.25 -1.29
N ALA A 299 -9.63 -12.06 -2.51
CA ALA A 299 -9.07 -11.12 -3.47
C ALA A 299 -10.16 -10.21 -3.96
N PHE A 300 -9.94 -8.91 -3.82
CA PHE A 300 -10.86 -7.91 -4.34
C PHE A 300 -10.30 -7.33 -5.65
N VAL A 301 -11.15 -7.18 -6.67
N VAL A 301 -11.17 -7.20 -6.65
CA VAL A 301 -10.70 -6.68 -7.97
CA VAL A 301 -10.80 -6.70 -7.99
C VAL A 301 -11.65 -5.56 -8.48
C VAL A 301 -11.69 -5.52 -8.38
N SER A 302 -11.08 -4.38 -8.70
CA SER A 302 -11.82 -3.22 -9.18
C SER A 302 -12.29 -3.45 -10.65
N GLU A 303 -13.55 -3.11 -10.93
CA GLU A 303 -14.06 -3.24 -12.29
C GLU A 303 -13.33 -2.37 -13.30
N ARG A 304 -12.96 -1.14 -12.91
CA ARG A 304 -12.41 -0.17 -13.90
C ARG A 304 -10.89 -0.21 -14.05
N PHE A 305 -10.24 -1.12 -13.33
CA PHE A 305 -8.77 -1.22 -13.35
C PHE A 305 -8.29 -2.65 -13.18
N GLY A 306 -8.65 -3.27 -12.06
CA GLY A 306 -8.11 -4.58 -11.70
C GLY A 306 -8.50 -5.76 -12.58
N ILE A 307 -9.75 -5.82 -13.02
CA ILE A 307 -10.18 -6.95 -13.84
C ILE A 307 -9.39 -6.97 -15.14
N GLN A 308 -9.01 -5.80 -15.63
CA GLN A 308 -8.29 -5.70 -16.89
C GLN A 308 -6.82 -6.18 -16.75
N ILE A 309 -6.26 -6.02 -15.57
CA ILE A 309 -4.85 -6.16 -15.34
C ILE A 309 -4.45 -7.40 -14.52
N PHE A 310 -5.27 -7.78 -13.54
CA PHE A 310 -4.86 -8.83 -12.60
C PHE A 310 -5.32 -10.22 -13.08
N ASP A 311 -4.42 -11.20 -12.88
CA ASP A 311 -4.52 -12.59 -13.35
C ASP A 311 -5.01 -13.51 -12.23
N SER A 312 -6.24 -13.99 -12.35
CA SER A 312 -6.90 -14.76 -11.32
C SER A 312 -6.39 -16.17 -11.25
N LYS A 313 -5.92 -16.67 -12.39
CA LYS A 313 -5.49 -18.06 -12.50
C LYS A 313 -4.30 -18.42 -11.61
N ILE A 314 -3.43 -17.46 -11.29
CA ILE A 314 -2.19 -17.72 -10.53
C ILE A 314 -2.39 -17.72 -9.00
N LEU A 315 -3.60 -17.42 -8.53
CA LEU A 315 -3.89 -17.37 -7.09
C LEU A 315 -4.13 -18.72 -6.41
N PRO A 316 -3.98 -18.80 -5.07
CA PRO A 316 -4.28 -20.06 -4.39
C PRO A 316 -5.65 -20.67 -4.74
N SER A 317 -5.79 -21.99 -4.62
CA SER A 317 -7.02 -22.71 -5.01
C SER A 317 -8.24 -22.24 -4.20
N ASN A 318 -8.04 -21.99 -2.93
CA ASN A 318 -9.09 -21.40 -2.06
C ASN A 318 -9.85 -20.16 -2.61
N SER A 319 -9.09 -19.29 -3.27
CA SER A 319 -9.42 -17.91 -3.40
C SER A 319 -10.87 -17.51 -3.70
N GLU A 320 -11.43 -16.66 -2.84
CA GLU A 320 -12.71 -16.05 -3.05
C GLU A 320 -12.36 -14.72 -3.74
N ILE A 321 -12.88 -14.52 -4.95
N ILE A 321 -12.92 -14.51 -4.93
CA ILE A 321 -12.65 -13.27 -5.72
CA ILE A 321 -12.69 -13.29 -5.72
C ILE A 321 -13.91 -12.39 -5.65
C ILE A 321 -13.93 -12.40 -5.63
N ILE A 322 -13.75 -11.15 -5.16
CA ILE A 322 -14.86 -10.19 -5.08
C ILE A 322 -14.67 -9.13 -6.16
N LEU A 323 -15.61 -9.01 -7.09
CA LEU A 323 -15.55 -7.95 -8.09
C LEU A 323 -16.28 -6.75 -7.54
N LEU A 324 -15.60 -5.61 -7.58
CA LEU A 324 -16.11 -4.32 -7.10
C LEU A 324 -16.64 -3.49 -8.28
N LYS A 325 -17.95 -3.59 -8.51
CA LYS A 325 -18.56 -2.94 -9.64
C LYS A 325 -18.51 -1.42 -9.50
N GLY A 326 -18.07 -0.78 -10.58
CA GLY A 326 -17.92 0.66 -10.68
C GLY A 326 -16.62 1.25 -10.16
N TYR A 327 -15.84 0.44 -9.47
CA TYR A 327 -14.68 0.93 -8.77
C TYR A 327 -13.50 1.19 -9.66
N GLY A 328 -12.89 2.35 -9.45
CA GLY A 328 -11.52 2.53 -9.88
C GLY A 328 -10.60 1.98 -8.81
N HIS A 329 -9.30 1.96 -9.12
CA HIS A 329 -8.28 1.40 -8.24
C HIS A 329 -8.30 1.99 -6.85
N LEU A 330 -8.25 3.30 -6.76
CA LEU A 330 -8.16 3.95 -5.47
C LEU A 330 -9.42 3.89 -4.65
N ASP A 331 -10.57 3.63 -5.30
CA ASP A 331 -11.86 3.47 -4.57
C ASP A 331 -11.85 2.24 -3.64
N VAL A 332 -10.97 1.28 -3.92
CA VAL A 332 -10.79 0.10 -3.07
C VAL A 332 -10.32 0.45 -1.64
N TYR A 333 -9.63 1.57 -1.53
CA TYR A 333 -8.92 2.03 -0.32
C TYR A 333 -9.53 3.20 0.44
N THR A 334 -10.55 3.84 -0.11
CA THR A 334 -11.12 5.03 0.49
C THR A 334 -12.55 5.26 -0.02
N GLY A 335 -13.25 6.23 0.62
CA GLY A 335 -14.59 6.60 0.25
C GLY A 335 -15.62 5.92 1.10
N GLU A 336 -16.75 6.60 1.33
CA GLU A 336 -17.75 6.05 2.25
C GLU A 336 -18.34 4.70 1.86
N ASN A 337 -18.36 4.39 0.57
CA ASN A 337 -18.91 3.08 0.10
C ASN A 337 -17.95 1.89 0.26
N SER A 338 -16.67 2.19 0.48
CA SER A 338 -15.65 1.16 0.68
C SER A 338 -15.88 0.40 2.02
N GLU A 339 -16.53 1.04 2.99
CA GLU A 339 -16.87 0.40 4.21
C GLU A 339 -17.73 -0.82 3.93
N LYS A 340 -18.83 -0.63 3.20
CA LYS A 340 -19.73 -1.72 2.86
C LYS A 340 -19.11 -2.74 1.92
N ASP A 341 -18.45 -2.27 0.89
CA ASP A 341 -18.02 -3.13 -0.22
C ASP A 341 -16.70 -3.82 -0.01
N VAL A 342 -15.81 -3.22 0.80
CA VAL A 342 -14.48 -3.80 1.06
C VAL A 342 -14.23 -4.11 2.54
N ASN A 343 -14.28 -3.08 3.37
CA ASN A 343 -13.80 -3.21 4.75
C ASN A 343 -14.59 -4.18 5.61
N SER A 344 -15.93 -4.06 5.60
CA SER A 344 -16.79 -5.01 6.30
C SER A 344 -16.70 -6.41 5.73
N VAL A 345 -16.41 -6.55 4.44
CA VAL A 345 -16.31 -7.87 3.80
C VAL A 345 -15.01 -8.55 4.23
N VAL A 346 -13.92 -7.79 4.30
CA VAL A 346 -12.67 -8.33 4.84
C VAL A 346 -12.86 -8.79 6.32
N LEU A 347 -13.51 -7.97 7.14
CA LEU A 347 -13.78 -8.33 8.53
C LEU A 347 -14.59 -9.63 8.62
N LYS A 348 -15.62 -9.74 7.80
CA LYS A 348 -16.47 -10.92 7.83
C LYS A 348 -15.66 -12.15 7.42
N TRP A 349 -14.84 -11.99 6.39
CA TRP A 349 -13.98 -13.08 5.94
C TRP A 349 -13.04 -13.51 7.06
N LEU A 350 -12.39 -12.55 7.73
CA LEU A 350 -11.55 -12.85 8.89
C LEU A 350 -12.29 -13.61 10.00
N SER A 351 -13.56 -13.25 10.24
CA SER A 351 -14.35 -13.89 11.28
C SER A 351 -14.66 -15.35 10.93
N GLN A 352 -14.65 -15.66 9.62
CA GLN A 352 -14.88 -17.01 9.12
C GLN A 352 -13.67 -17.89 9.23
N GLN A 353 -12.50 -17.28 9.47
CA GLN A 353 -11.30 -18.04 9.60
C GLN A 353 -11.12 -18.51 11.05
N ARG A 354 -11.74 -17.79 12.00
CA ARG A 354 -11.61 -18.01 13.46
C ARG A 354 -12.67 -19.03 13.97
#